data_8EV1
#
_entry.id   8EV1
#
_cell.length_a   54.055
_cell.length_b   82.633
_cell.length_c   58.553
_cell.angle_alpha   90.000
_cell.angle_beta   110.930
_cell.angle_gamma   90.000
#
_symmetry.space_group_name_H-M   'P 1 21 1'
#
loop_
_entity.id
_entity.type
_entity.pdbx_description
1 polymer 'Estrogen Receptor'
2 polymer 'Estrogen receptor'
3 polymer 'Nuclear receptor coactivator 2'
4 non-polymer (3aS,4R,9bR)-4-(4-hydroxyphenyl)-2,3,3a,4,5,9b-hexahydro-1H-cyclopenta[c]quinoline-8-sulfonamide
5 non-polymer (3aR,4S,9bS)-4-(4-hydroxyphenyl)-2,3,3a,4,5,9b-hexahydro-1H-cyclopenta[c]quinoline-8-sulfonamide
6 water water
#
loop_
_entity_poly.entity_id
_entity_poly.type
_entity_poly.pdbx_seq_one_letter_code
_entity_poly.pdbx_strand_id
1 'polypeptide(L)'
;IKRSKKNSLALSLTADQMVSALLDAEPPILYSEYDPTRPFSEASMMGLLTNLADRELVHMINWAKRVPGFVDLTLHDQVH
LLE(YCM)AWLEILMIGLVWRSMEHPGKLLFAPNLLLDRNQGKCVEGMVEIFDMLLATSSRFRMMNLQGEEFVCLKSIIL
LNSGVYTFLSSTLKSLEEKDHIHRVLDKITDTLIHLMAKAGLTLQQQHQRLAQLLLILSHIRHMSNKGMEHLYSMKCKNV
VPLSDLLLEMLDAHRLHAPTS
;
A
2 'polypeptide(L)'
;IKRSKKNSLALSLTADQMVSALLDAEPPILYSEYDPTRPFSEASMMGLLTNLADRELVHMINWAKRVPGFVDLTLHDQVH
LLE(YCM)AWLEILMIGLVWRSMEHPGKLLFAPNLLLDRNQGK(YCM)VEGMVEIFDMLLATSSRFRMMNLQGEEFVCLK
SIILLNSGVYTFLSSTLKSLEEKDHIHRVLDKITDTLIHLMAKAGLTLQQQHQRLAQLLLILSHIRHMSNKGMEHLYSMK
CKNVVPLSDLLLEMLDAHRLHAPTS
;
B
3 'polypeptide(L)' KHKILHRLLQDSS C,D
#
loop_
_chem_comp.id
_chem_comp.type
_chem_comp.name
_chem_comp.formula
WVR non-polymer (3aR,4S,9bS)-4-(4-hydroxyphenyl)-2,3,3a,4,5,9b-hexahydro-1H-cyclopenta[c]quinoline-8-sulfonamide 'C18 H20 N2 O3 S'
WVW non-polymer (3aS,4R,9bR)-4-(4-hydroxyphenyl)-2,3,3a,4,5,9b-hexahydro-1H-cyclopenta[c]quinoline-8-sulfonamide 'C18 H20 N2 O3 S'
#
# COMPACT_ATOMS: atom_id res chain seq x y z
N SER A 8 21.84 -6.33 -16.24
CA SER A 8 21.26 -5.94 -17.56
C SER A 8 21.11 -4.42 -17.70
N LEU A 9 20.91 -3.96 -18.94
CA LEU A 9 21.01 -2.56 -19.35
C LEU A 9 20.67 -1.58 -18.24
N ALA A 10 19.50 -1.80 -17.62
CA ALA A 10 18.92 -0.90 -16.62
C ALA A 10 19.85 -0.56 -15.45
N LEU A 11 20.63 -1.55 -15.01
CA LEU A 11 21.48 -1.44 -13.82
C LEU A 11 22.70 -0.55 -14.02
N SER A 12 23.11 -0.38 -15.27
CA SER A 12 24.30 0.41 -15.60
C SER A 12 23.99 1.82 -16.08
N LEU A 13 22.70 2.14 -16.22
CA LEU A 13 22.25 3.51 -16.48
C LEU A 13 22.61 4.44 -15.32
N THR A 14 23.00 5.67 -15.66
CA THR A 14 23.16 6.71 -14.67
C THR A 14 21.77 7.19 -14.25
N ALA A 15 21.71 7.95 -13.14
CA ALA A 15 20.50 8.54 -12.63
C ALA A 15 19.82 9.38 -13.70
N ASP A 16 20.60 10.26 -14.34
CA ASP A 16 20.10 11.13 -15.40
C ASP A 16 19.60 10.35 -16.61
N GLN A 17 20.28 9.24 -16.94
CA GLN A 17 19.87 8.37 -18.03
C GLN A 17 18.58 7.62 -17.73
N MET A 18 18.44 7.18 -16.47
CA MET A 18 17.23 6.54 -15.99
C MET A 18 16.01 7.49 -16.13
N VAL A 19 16.14 8.71 -15.61
CA VAL A 19 15.11 9.73 -15.64
C VAL A 19 14.70 10.06 -17.08
N SER A 20 15.69 10.26 -17.96
CA SER A 20 15.44 10.53 -19.36
C SER A 20 14.63 9.40 -19.99
N ALA A 21 15.06 8.16 -19.74
CA ALA A 21 14.40 6.98 -20.30
C ALA A 21 12.94 6.93 -19.86
N LEU A 22 12.69 7.21 -18.57
CA LEU A 22 11.36 7.16 -18.01
C LEU A 22 10.47 8.29 -18.55
N LEU A 23 11.03 9.51 -18.64
CA LEU A 23 10.36 10.64 -19.25
C LEU A 23 10.00 10.37 -20.71
N ASP A 24 10.93 9.77 -21.47
CA ASP A 24 10.71 9.46 -22.89
C ASP A 24 9.67 8.37 -23.09
N ALA A 25 9.47 7.54 -22.06
CA ALA A 25 8.54 6.42 -22.11
C ALA A 25 7.09 6.82 -21.81
N GLU A 26 6.88 8.04 -21.30
CA GLU A 26 5.59 8.45 -20.81
C GLU A 26 4.51 8.24 -21.87
N PRO A 27 3.35 7.64 -21.51
CA PRO A 27 2.26 7.50 -22.48
C PRO A 27 1.61 8.87 -22.70
N PRO A 28 0.82 9.04 -23.77
CA PRO A 28 0.14 10.32 -24.00
C PRO A 28 -1.06 10.49 -23.11
N ILE A 29 -1.56 11.72 -23.02
CA ILE A 29 -2.85 11.98 -22.40
C ILE A 29 -3.94 11.83 -23.47
N LEU A 30 -4.94 11.00 -23.15
CA LEU A 30 -6.02 10.63 -24.06
C LEU A 30 -7.23 11.46 -23.77
N TYR A 31 -8.11 11.58 -24.75
CA TYR A 31 -9.36 12.30 -24.62
C TYR A 31 -10.50 11.34 -24.37
N SER A 32 -11.50 11.81 -23.63
CA SER A 32 -12.76 11.09 -23.49
C SER A 32 -13.53 11.20 -24.81
N GLU A 33 -14.53 10.32 -24.98
CA GLU A 33 -15.48 10.43 -26.07
C GLU A 33 -16.25 11.75 -25.86
N TYR A 34 -16.39 12.52 -26.94
CA TYR A 34 -17.06 13.82 -26.89
C TYR A 34 -18.59 13.70 -26.96
N ASP A 35 -19.09 12.48 -27.23
CA ASP A 35 -20.50 12.24 -27.60
C ASP A 35 -21.51 12.50 -26.48
N THR A 37 -21.69 14.40 -23.72
CA THR A 37 -21.12 15.51 -22.96
C THR A 37 -22.25 16.49 -22.59
N ARG A 38 -23.25 15.93 -21.88
CA ARG A 38 -24.37 16.65 -21.30
C ARG A 38 -24.16 16.50 -19.79
N PRO A 39 -25.15 16.80 -18.92
CA PRO A 39 -25.16 16.25 -17.56
C PRO A 39 -25.16 14.72 -17.61
N PHE A 40 -24.40 14.09 -16.72
CA PHE A 40 -24.10 12.66 -16.78
C PHE A 40 -25.11 11.79 -16.04
N SER A 41 -25.48 10.68 -16.68
CA SER A 41 -26.17 9.59 -16.00
C SER A 41 -25.14 8.63 -15.42
N GLU A 42 -25.59 7.74 -14.53
CA GLU A 42 -24.74 6.71 -13.96
C GLU A 42 -24.13 5.87 -15.09
N ALA A 43 -24.99 5.39 -16.00
CA ALA A 43 -24.57 4.51 -17.10
C ALA A 43 -23.64 5.22 -18.08
N SER A 44 -23.90 6.51 -18.32
CA SER A 44 -23.11 7.30 -19.27
C SER A 44 -21.72 7.62 -18.75
N MET A 45 -21.62 8.07 -17.49
CA MET A 45 -20.32 8.30 -16.85
C MET A 45 -19.51 7.00 -16.83
N MET A 46 -20.13 5.92 -16.34
CA MET A 46 -19.57 4.59 -16.36
C MET A 46 -18.99 4.21 -17.73
N GLY A 47 -19.79 4.45 -18.78
CA GLY A 47 -19.42 4.16 -20.15
C GLY A 47 -18.17 4.92 -20.56
N LEU A 48 -18.18 6.24 -20.30
CA LEU A 48 -17.03 7.09 -20.58
C LEU A 48 -15.76 6.61 -19.90
N LEU A 49 -15.84 6.27 -18.63
CA LEU A 49 -14.65 5.90 -17.88
C LEU A 49 -14.09 4.56 -18.26
N THR A 50 -14.99 3.64 -18.51
CA THR A 50 -14.67 2.30 -18.94
C THR A 50 -13.91 2.30 -20.27
N ASN A 51 -14.45 3.05 -21.20
CA ASN A 51 -13.89 3.21 -22.51
C ASN A 51 -12.50 3.86 -22.43
N LEU A 52 -12.39 4.88 -21.61
CA LEU A 52 -11.15 5.60 -21.41
C LEU A 52 -10.08 4.72 -20.77
N ALA A 53 -10.46 3.99 -19.72
CA ALA A 53 -9.53 3.11 -19.03
C ALA A 53 -9.00 2.03 -19.98
N ASP A 54 -9.89 1.47 -20.79
CA ASP A 54 -9.52 0.44 -21.76
C ASP A 54 -8.45 0.95 -22.75
N ARG A 55 -8.66 2.16 -23.28
CA ARG A 55 -7.70 2.78 -24.18
C ARG A 55 -6.39 3.10 -23.47
N GLU A 56 -6.49 3.49 -22.23
CA GLU A 56 -5.32 3.78 -21.44
C GLU A 56 -4.46 2.58 -21.14
N LEU A 57 -5.10 1.48 -20.92
CA LEU A 57 -4.42 0.22 -20.63
C LEU A 57 -3.51 -0.20 -21.76
N VAL A 58 -3.98 -0.03 -23.00
CA VAL A 58 -3.16 -0.34 -24.16
C VAL A 58 -1.86 0.47 -24.14
N HIS A 59 -1.95 1.77 -23.83
CA HIS A 59 -0.77 2.64 -23.77
C HIS A 59 0.13 2.31 -22.58
N MET A 60 -0.47 1.89 -21.46
CA MET A 60 0.29 1.48 -20.28
C MET A 60 1.11 0.23 -20.56
N ILE A 61 0.51 -0.74 -21.25
CA ILE A 61 1.21 -1.95 -21.59
C ILE A 61 2.46 -1.64 -22.40
N ASN A 62 2.35 -0.70 -23.33
CA ASN A 62 3.49 -0.27 -24.14
C ASN A 62 4.49 0.63 -23.40
N TRP A 63 4.01 1.49 -22.50
CA TRP A 63 4.87 2.17 -21.54
C TRP A 63 5.74 1.20 -20.70
N ALA A 64 5.12 0.17 -20.13
CA ALA A 64 5.82 -0.80 -19.27
C ALA A 64 7.05 -1.40 -19.99
N LYS A 65 6.88 -1.71 -21.28
CA LYS A 65 7.93 -2.28 -22.10
C LYS A 65 9.15 -1.36 -22.23
N ARG A 66 8.93 -0.05 -22.08
CA ARG A 66 9.97 0.95 -22.14
C ARG A 66 10.58 1.32 -20.76
N VAL A 67 10.11 0.71 -19.68
CA VAL A 67 10.65 0.91 -18.34
C VAL A 67 11.90 0.04 -18.26
N PRO A 68 13.11 0.62 -18.13
CA PRO A 68 14.34 -0.18 -18.04
C PRO A 68 14.21 -1.28 -16.98
N GLY A 69 14.60 -2.50 -17.35
CA GLY A 69 14.49 -3.69 -16.51
C GLY A 69 13.27 -4.57 -16.78
N PHE A 70 12.16 -3.95 -17.18
CA PHE A 70 10.91 -4.66 -17.39
C PHE A 70 10.94 -5.74 -18.47
N VAL A 71 11.53 -5.44 -19.63
CA VAL A 71 11.58 -6.43 -20.72
C VAL A 71 12.58 -7.55 -20.45
N ASP A 72 13.53 -7.30 -19.54
CA ASP A 72 14.46 -8.34 -19.07
C ASP A 72 13.73 -9.49 -18.41
N LEU A 73 12.53 -9.23 -17.88
CA LEU A 73 11.71 -10.24 -17.21
C LEU A 73 11.07 -11.18 -18.23
N THR A 74 10.72 -12.38 -17.76
CA THR A 74 9.94 -13.33 -18.55
C THR A 74 8.55 -12.74 -18.75
N LEU A 75 7.87 -13.22 -19.80
CA LEU A 75 6.53 -12.81 -20.16
C LEU A 75 5.53 -13.04 -19.01
N HIS A 76 5.61 -14.23 -18.40
CA HIS A 76 4.81 -14.59 -17.23
C HIS A 76 4.94 -13.54 -16.10
N ASP A 77 6.18 -13.11 -15.83
CA ASP A 77 6.46 -12.14 -14.78
C ASP A 77 5.99 -10.74 -15.15
N GLN A 78 6.15 -10.36 -16.42
CA GLN A 78 5.67 -9.07 -16.91
C GLN A 78 4.16 -8.98 -16.77
N VAL A 79 3.47 -10.08 -17.12
CA VAL A 79 2.01 -10.22 -17.00
C VAL A 79 1.56 -10.08 -15.55
N HIS A 80 2.20 -10.82 -14.66
CA HIS A 80 1.91 -10.81 -13.24
C HIS A 80 2.00 -9.39 -12.70
N LEU A 81 3.12 -8.70 -13.01
CA LEU A 81 3.34 -7.35 -12.51
C LEU A 81 2.27 -6.39 -12.99
N LEU A 82 1.87 -6.52 -14.26
CA LEU A 82 0.89 -5.63 -14.86
C LEU A 82 -0.51 -5.89 -14.29
N GLU A 83 -0.85 -7.18 -14.13
CA GLU A 83 -2.09 -7.58 -13.50
C GLU A 83 -2.21 -7.08 -12.06
N YCM A 84 -1.10 -7.11 -11.32
CA YCM A 84 -1.07 -6.60 -9.96
CB YCM A 84 0.18 -7.06 -9.26
SG YCM A 84 0.22 -8.85 -8.95
CD YCM A 84 -1.11 -9.05 -7.71
CE YCM A 84 -0.98 -8.07 -6.56
OZ1 YCM A 84 -1.65 -7.04 -6.57
NZ2 YCM A 84 -0.15 -8.40 -5.59
C YCM A 84 -1.15 -5.07 -9.93
O YCM A 84 -1.81 -4.51 -9.06
N ALA A 85 -0.47 -4.39 -10.86
CA ALA A 85 -0.28 -2.95 -10.75
C ALA A 85 -1.18 -2.01 -11.56
N TRP A 86 -1.99 -2.54 -12.48
CA TRP A 86 -2.54 -1.70 -13.55
C TRP A 86 -3.43 -0.57 -13.04
N LEU A 87 -4.26 -0.86 -12.02
CA LEU A 87 -5.18 0.14 -11.49
C LEU A 87 -4.44 1.19 -10.65
N GLU A 88 -3.44 0.75 -9.87
CA GLU A 88 -2.54 1.70 -9.19
C GLU A 88 -1.88 2.68 -10.17
N ILE A 89 -1.43 2.16 -11.31
CA ILE A 89 -0.76 2.95 -12.34
C ILE A 89 -1.73 3.95 -12.99
N LEU A 90 -2.94 3.50 -13.36
CA LEU A 90 -3.96 4.40 -13.85
C LEU A 90 -4.22 5.49 -12.81
N MET A 91 -4.32 5.08 -11.54
CA MET A 91 -4.66 6.01 -10.47
C MET A 91 -3.60 7.07 -10.23
N ILE A 92 -2.32 6.67 -10.18
CA ILE A 92 -1.28 7.64 -9.95
C ILE A 92 -1.18 8.64 -11.14
N GLY A 93 -1.42 8.15 -12.37
CA GLY A 93 -1.50 8.98 -13.54
C GLY A 93 -2.61 10.02 -13.42
N LEU A 94 -3.79 9.56 -13.01
CA LEU A 94 -4.94 10.42 -12.85
C LEU A 94 -4.65 11.51 -11.83
N VAL A 95 -4.05 11.08 -10.70
CA VAL A 95 -3.75 11.96 -9.61
C VAL A 95 -2.73 13.03 -10.04
N TRP A 96 -1.68 12.58 -10.77
CA TRP A 96 -0.67 13.48 -11.34
C TRP A 96 -1.30 14.56 -12.27
N ARG A 97 -2.09 14.12 -13.25
CA ARG A 97 -2.80 15.00 -14.19
C ARG A 97 -3.72 16.00 -13.49
N SER A 98 -4.23 15.62 -12.33
CA SER A 98 -5.21 16.42 -11.60
C SER A 98 -4.59 17.45 -10.66
N MET A 99 -3.26 17.42 -10.52
CA MET A 99 -2.54 18.26 -9.56
C MET A 99 -2.83 19.75 -9.77
N GLU A 100 -2.89 20.18 -11.03
CA GLU A 100 -3.13 21.57 -11.41
C GLU A 100 -4.60 21.95 -11.42
N HIS A 101 -5.46 21.05 -10.93
CA HIS A 101 -6.90 21.28 -10.84
C HIS A 101 -7.40 20.88 -9.46
N PRO A 102 -7.02 21.63 -8.39
CA PRO A 102 -7.48 21.33 -7.04
C PRO A 102 -8.99 21.16 -6.98
N GLY A 103 -9.44 20.10 -6.28
CA GLY A 103 -10.85 19.81 -6.12
C GLY A 103 -11.48 19.05 -7.27
N LYS A 104 -10.67 18.76 -8.29
CA LYS A 104 -11.14 18.08 -9.49
C LYS A 104 -10.18 16.97 -9.91
N LEU A 105 -10.72 16.07 -10.74
CA LEU A 105 -9.98 14.95 -11.32
C LEU A 105 -10.05 15.03 -12.83
N LEU A 106 -8.88 15.21 -13.46
CA LEU A 106 -8.75 15.35 -14.90
C LEU A 106 -8.61 13.96 -15.50
N PHE A 107 -9.74 13.29 -15.72
CA PHE A 107 -9.74 11.98 -16.36
C PHE A 107 -9.20 12.09 -17.78
N ALA A 108 -9.63 13.15 -18.47
CA ALA A 108 -9.08 13.56 -19.75
C ALA A 108 -9.26 15.07 -19.84
N PRO A 109 -8.55 15.76 -20.76
CA PRO A 109 -8.69 17.22 -20.88
C PRO A 109 -10.14 17.65 -21.07
N ASN A 110 -10.94 16.79 -21.72
CA ASN A 110 -12.35 17.06 -21.95
C ASN A 110 -13.25 16.31 -20.98
N LEU A 111 -12.68 15.89 -19.83
CA LEU A 111 -13.42 15.17 -18.81
C LEU A 111 -12.79 15.43 -17.43
N LEU A 112 -13.08 16.62 -16.90
CA LEU A 112 -12.57 17.11 -15.64
C LEU A 112 -13.74 17.13 -14.67
N LEU A 113 -13.75 16.18 -13.73
CA LEU A 113 -14.88 15.96 -12.83
C LEU A 113 -14.58 16.47 -11.42
N ASP A 114 -15.58 17.11 -10.81
CA ASP A 114 -15.53 17.50 -9.41
C ASP A 114 -16.15 16.39 -8.58
N ARG A 115 -16.11 16.55 -7.27
CA ARG A 115 -16.50 15.56 -6.32
C ARG A 115 -17.96 15.15 -6.41
N ASN A 116 -18.81 16.11 -6.63
CA ASN A 116 -20.27 15.92 -6.75
C ASN A 116 -20.70 15.11 -7.99
N GLN A 117 -19.86 15.15 -9.03
CA GLN A 117 -20.03 14.31 -10.22
C GLN A 117 -19.62 12.85 -9.95
N GLY A 118 -18.82 12.65 -8.90
CA GLY A 118 -18.53 11.33 -8.37
C GLY A 118 -19.78 10.61 -7.82
N LYS A 119 -20.79 11.38 -7.39
CA LYS A 119 -22.05 10.82 -6.89
C LYS A 119 -22.94 10.21 -7.98
N CYS A 120 -22.65 10.52 -9.24
CA CYS A 120 -23.40 9.99 -10.38
C CYS A 120 -23.35 8.47 -10.42
N VAL A 121 -22.24 7.91 -9.91
CA VAL A 121 -22.04 6.47 -9.81
C VAL A 121 -21.99 6.09 -8.33
N GLU A 122 -22.71 5.02 -7.97
CA GLU A 122 -22.86 4.59 -6.58
C GLU A 122 -21.57 3.94 -6.06
N GLY A 123 -21.08 4.47 -4.93
CA GLY A 123 -19.82 4.02 -4.32
C GLY A 123 -18.57 4.62 -4.94
N MET A 124 -18.74 5.56 -5.88
CA MET A 124 -17.62 6.18 -6.59
C MET A 124 -17.01 7.35 -5.78
N VAL A 125 -17.87 8.10 -5.09
CA VAL A 125 -17.45 9.31 -4.38
C VAL A 125 -16.42 9.02 -3.27
N GLU A 126 -16.47 7.82 -2.69
CA GLU A 126 -15.45 7.36 -1.74
C GLU A 126 -14.06 7.32 -2.38
N ILE A 127 -13.96 6.69 -3.56
CA ILE A 127 -12.69 6.58 -4.28
C ILE A 127 -12.21 7.95 -4.80
N PHE A 128 -13.14 8.73 -5.34
CA PHE A 128 -12.90 10.12 -5.72
C PHE A 128 -12.22 10.90 -4.61
N ASP A 129 -12.79 10.82 -3.40
CA ASP A 129 -12.29 11.56 -2.25
C ASP A 129 -10.86 11.16 -1.90
N MET A 130 -10.59 9.85 -1.95
CA MET A 130 -9.24 9.34 -1.74
C MET A 130 -8.27 9.85 -2.82
N LEU A 131 -8.70 9.85 -4.09
CA LEU A 131 -7.89 10.35 -5.19
C LEU A 131 -7.59 11.83 -5.04
N LEU A 132 -8.61 12.61 -4.68
CA LEU A 132 -8.46 14.05 -4.44
C LEU A 132 -7.48 14.33 -3.30
N ALA A 133 -7.58 13.56 -2.20
CA ALA A 133 -6.67 13.69 -1.07
C ALA A 133 -5.22 13.41 -1.50
N THR A 134 -5.05 12.42 -2.40
CA THR A 134 -3.74 12.08 -2.93
C THR A 134 -3.18 13.20 -3.79
N SER A 135 -4.04 13.78 -4.64
CA SER A 135 -3.66 14.94 -5.44
C SER A 135 -3.20 16.12 -4.57
N SER A 136 -3.94 16.42 -3.50
CA SER A 136 -3.58 17.46 -2.54
C SER A 136 -2.21 17.22 -1.92
N ARG A 137 -1.96 15.96 -1.52
CA ARG A 137 -0.69 15.55 -0.91
C ARG A 137 0.50 15.80 -1.85
N PHE A 138 0.37 15.39 -3.12
CA PHE A 138 1.37 15.64 -4.14
C PHE A 138 1.62 17.15 -4.33
N ARG A 139 0.54 17.93 -4.26
CA ARG A 139 0.63 19.38 -4.40
C ARG A 139 1.35 20.00 -3.21
N MET A 140 0.90 19.64 -1.99
CA MET A 140 1.57 20.03 -0.75
C MET A 140 3.05 19.70 -0.77
N MET A 141 3.41 18.53 -1.31
CA MET A 141 4.80 18.10 -1.44
C MET A 141 5.57 18.72 -2.59
N ASN A 142 4.85 19.40 -3.49
CA ASN A 142 5.41 19.92 -4.73
C ASN A 142 6.10 18.82 -5.56
N LEU A 143 5.40 17.68 -5.74
CA LEU A 143 5.93 16.56 -6.49
C LEU A 143 6.35 17.02 -7.89
N GLN A 144 7.54 16.59 -8.33
CA GLN A 144 8.07 16.93 -9.63
C GLN A 144 7.84 15.78 -10.62
N GLY A 145 7.70 16.14 -11.90
CA GLY A 145 7.54 15.18 -12.99
C GLY A 145 8.55 14.05 -12.97
N GLU A 146 9.80 14.39 -12.67
CA GLU A 146 10.88 13.42 -12.64
C GLU A 146 10.70 12.43 -11.48
N GLU A 147 10.18 12.93 -10.35
CA GLU A 147 9.85 12.09 -9.21
C GLU A 147 8.66 11.18 -9.53
N PHE A 148 7.61 11.78 -10.10
CA PHE A 148 6.42 11.05 -10.54
C PHE A 148 6.74 9.81 -11.39
N VAL A 149 7.57 9.97 -12.43
CA VAL A 149 7.85 8.86 -13.33
C VAL A 149 8.61 7.74 -12.58
N CYS A 150 9.45 8.14 -11.63
CA CYS A 150 10.13 7.18 -10.76
C CYS A 150 9.15 6.39 -9.95
N LEU A 151 8.20 7.09 -9.30
CA LEU A 151 7.16 6.45 -8.49
C LEU A 151 6.28 5.47 -9.27
N LYS A 152 5.86 5.90 -10.46
CA LYS A 152 5.06 5.06 -11.34
C LYS A 152 5.79 3.73 -11.69
N SER A 153 7.10 3.82 -11.99
CA SER A 153 7.91 2.64 -12.28
C SER A 153 8.09 1.74 -11.04
N ILE A 154 8.20 2.35 -9.86
CA ILE A 154 8.26 1.60 -8.61
C ILE A 154 7.01 0.78 -8.37
N ILE A 155 5.85 1.38 -8.67
CA ILE A 155 4.57 0.68 -8.52
C ILE A 155 4.54 -0.54 -9.43
N LEU A 156 4.97 -0.37 -10.67
CA LEU A 156 4.96 -1.45 -11.64
C LEU A 156 5.82 -2.60 -11.11
N LEU A 157 7.02 -2.29 -10.64
CA LEU A 157 7.98 -3.33 -10.24
C LEU A 157 7.69 -3.91 -8.85
N ASN A 158 7.14 -3.08 -7.96
CA ASN A 158 6.95 -3.46 -6.57
C ASN A 158 5.69 -4.24 -6.25
N SER A 159 4.59 -3.89 -6.92
CA SER A 159 3.27 -4.29 -6.45
C SER A 159 3.00 -5.79 -6.53
N GLY A 160 3.61 -6.46 -7.50
CA GLY A 160 3.46 -7.89 -7.64
C GLY A 160 4.65 -8.73 -7.22
N VAL A 161 5.72 -8.06 -6.79
CA VAL A 161 7.00 -8.74 -6.54
C VAL A 161 6.94 -9.75 -5.37
N TYR A 162 6.08 -9.47 -4.39
CA TYR A 162 5.94 -10.30 -3.18
C TYR A 162 5.03 -11.53 -3.36
N THR A 163 4.45 -11.69 -4.56
CA THR A 163 3.45 -12.72 -4.83
C THR A 163 3.74 -13.58 -6.07
N PHE A 164 5.03 -13.86 -6.31
CA PHE A 164 5.44 -14.80 -7.36
C PHE A 164 5.28 -16.25 -6.93
N LYS A 170 14.97 -19.52 -11.78
CA LYS A 170 14.21 -19.50 -10.54
C LYS A 170 13.48 -18.16 -10.42
N SER A 171 12.27 -18.18 -9.85
CA SER A 171 11.51 -16.96 -9.57
C SER A 171 12.09 -16.29 -8.32
N LEU A 172 13.43 -16.22 -8.31
CA LEU A 172 14.24 -15.78 -7.18
C LEU A 172 15.36 -14.89 -7.70
N GLU A 173 15.98 -15.34 -8.80
CA GLU A 173 16.87 -14.51 -9.61
C GLU A 173 16.04 -13.42 -10.32
N GLU A 174 14.78 -13.71 -10.62
CA GLU A 174 13.83 -12.74 -11.16
C GLU A 174 13.49 -11.68 -10.13
N LYS A 175 13.13 -12.14 -8.92
CA LYS A 175 12.85 -11.25 -7.78
C LYS A 175 14.07 -10.37 -7.49
N ASP A 176 15.26 -10.97 -7.51
CA ASP A 176 16.50 -10.25 -7.27
C ASP A 176 16.73 -9.13 -8.27
N HIS A 177 16.57 -9.43 -9.56
CA HIS A 177 16.66 -8.43 -10.63
C HIS A 177 15.73 -7.25 -10.39
N ILE A 178 14.45 -7.55 -10.10
CA ILE A 178 13.44 -6.54 -9.79
C ILE A 178 13.86 -5.69 -8.60
N HIS A 179 14.38 -6.34 -7.57
CA HIS A 179 14.84 -5.62 -6.37
C HIS A 179 16.06 -4.74 -6.68
N ARG A 180 16.93 -5.23 -7.57
CA ARG A 180 18.06 -4.44 -8.06
C ARG A 180 17.60 -3.23 -8.88
N VAL A 181 16.58 -3.41 -9.73
CA VAL A 181 16.04 -2.30 -10.51
C VAL A 181 15.41 -1.27 -9.58
N LEU A 182 14.64 -1.77 -8.60
CA LEU A 182 14.00 -0.93 -7.61
C LEU A 182 15.04 -0.09 -6.85
N ASP A 183 16.14 -0.73 -6.42
CA ASP A 183 17.29 -0.04 -5.82
C ASP A 183 17.86 1.09 -6.72
N LYS A 184 17.93 0.84 -8.03
CA LYS A 184 18.39 1.83 -9.00
C LYS A 184 17.45 3.04 -9.03
N ILE A 185 16.14 2.77 -9.02
CA ILE A 185 15.18 3.87 -9.04
C ILE A 185 15.26 4.67 -7.74
N THR A 186 15.59 4.00 -6.64
CA THR A 186 15.76 4.68 -5.36
C THR A 186 16.96 5.62 -5.46
N ASP A 187 18.06 5.11 -5.99
CA ASP A 187 19.25 5.93 -6.26
C ASP A 187 18.87 7.15 -7.11
N THR A 188 18.03 6.92 -8.12
CA THR A 188 17.61 7.98 -9.05
C THR A 188 16.80 9.08 -8.35
N LEU A 189 15.85 8.66 -7.48
CA LEU A 189 15.06 9.59 -6.68
C LEU A 189 15.93 10.48 -5.76
N ILE A 190 16.87 9.84 -5.06
CA ILE A 190 17.79 10.55 -4.18
C ILE A 190 18.67 11.53 -4.98
N HIS A 191 19.22 11.05 -6.10
CA HIS A 191 19.97 11.86 -7.02
C HIS A 191 19.22 13.16 -7.33
N LEU A 192 17.97 13.03 -7.79
CA LEU A 192 17.13 14.17 -8.14
C LEU A 192 16.99 15.13 -6.97
N MET A 193 16.76 14.59 -5.78
CA MET A 193 16.61 15.41 -4.58
C MET A 193 17.90 16.15 -4.22
N ALA A 194 19.03 15.43 -4.34
CA ALA A 194 20.35 16.01 -4.10
C ALA A 194 20.66 17.14 -5.09
N LYS A 195 20.33 16.93 -6.37
CA LYS A 195 20.45 17.94 -7.40
C LYS A 195 19.57 19.16 -7.15
N ALA A 196 18.41 18.95 -6.54
CA ALA A 196 17.50 20.03 -6.19
C ALA A 196 17.97 20.80 -4.96
N GLY A 197 19.08 20.34 -4.35
CA GLY A 197 19.72 21.01 -3.23
C GLY A 197 19.20 20.66 -1.85
N LEU A 198 18.45 19.56 -1.74
CA LEU A 198 17.96 19.08 -0.44
C LEU A 198 19.14 18.54 0.36
N THR A 199 19.11 18.78 1.69
CA THR A 199 20.12 18.23 2.58
C THR A 199 19.95 16.73 2.63
N LEU A 200 20.96 16.02 3.13
CA LEU A 200 20.88 14.57 3.31
C LEU A 200 19.63 14.21 4.10
N GLN A 201 19.41 14.92 5.21
CA GLN A 201 18.26 14.71 6.05
C GLN A 201 16.96 14.85 5.25
N GLN A 202 16.84 15.95 4.50
CA GLN A 202 15.66 16.23 3.69
C GLN A 202 15.42 15.17 2.63
N GLN A 203 16.50 14.64 2.08
CA GLN A 203 16.42 13.64 1.02
C GLN A 203 15.81 12.37 1.56
N HIS A 204 16.31 11.86 2.69
CA HIS A 204 15.77 10.62 3.21
C HIS A 204 14.33 10.83 3.71
N GLN A 205 14.05 12.01 4.27
CA GLN A 205 12.70 12.36 4.71
C GLN A 205 11.68 12.41 3.55
N ARG A 206 12.06 13.04 2.44
CA ARG A 206 11.20 13.16 1.28
C ARG A 206 10.97 11.80 0.62
N LEU A 207 12.05 11.02 0.46
CA LEU A 207 11.96 9.68 -0.06
C LEU A 207 10.95 8.82 0.73
N ALA A 208 11.05 8.84 2.05
CA ALA A 208 10.08 8.19 2.91
C ALA A 208 8.65 8.66 2.64
N GLN A 209 8.47 9.99 2.58
CA GLN A 209 7.15 10.57 2.38
C GLN A 209 6.53 10.12 1.06
N LEU A 210 7.36 10.03 0.01
CA LEU A 210 6.89 9.61 -1.30
C LEU A 210 6.46 8.15 -1.28
N LEU A 211 7.30 7.31 -0.68
CA LEU A 211 7.06 5.89 -0.66
C LEU A 211 5.85 5.51 0.22
N LEU A 212 5.60 6.28 1.28
CA LEU A 212 4.45 6.07 2.14
C LEU A 212 3.11 6.33 1.45
N ILE A 213 3.10 7.24 0.47
CA ILE A 213 1.92 7.50 -0.35
C ILE A 213 1.52 6.28 -1.18
N LEU A 214 2.51 5.48 -1.57
CA LEU A 214 2.27 4.24 -2.31
C LEU A 214 1.40 3.23 -1.56
N SER A 215 1.45 3.27 -0.22
CA SER A 215 0.55 2.48 0.59
C SER A 215 -0.90 2.91 0.40
N HIS A 216 -1.12 4.24 0.35
CA HIS A 216 -2.44 4.78 0.10
C HIS A 216 -2.92 4.45 -1.33
N ILE A 217 -2.01 4.52 -2.31
CA ILE A 217 -2.34 4.19 -3.69
C ILE A 217 -2.76 2.71 -3.77
N ARG A 218 -2.04 1.83 -3.07
CA ARG A 218 -2.43 0.41 -3.02
C ARG A 218 -3.85 0.24 -2.48
N HIS A 219 -4.15 0.97 -1.40
CA HIS A 219 -5.44 0.94 -0.75
C HIS A 219 -6.53 1.38 -1.72
N MET A 220 -6.30 2.51 -2.39
CA MET A 220 -7.24 3.03 -3.40
C MET A 220 -7.49 2.01 -4.49
N SER A 221 -6.41 1.37 -4.95
CA SER A 221 -6.52 0.35 -5.98
C SER A 221 -7.42 -0.79 -5.55
N ASN A 222 -7.22 -1.27 -4.31
CA ASN A 222 -8.02 -2.37 -3.77
C ASN A 222 -9.50 -1.98 -3.65
N LYS A 223 -9.78 -0.77 -3.18
CA LYS A 223 -11.15 -0.26 -3.11
C LYS A 223 -11.77 -0.12 -4.50
N GLY A 224 -10.97 0.39 -5.44
CA GLY A 224 -11.43 0.57 -6.81
C GLY A 224 -11.72 -0.74 -7.51
N MET A 225 -10.93 -1.76 -7.18
CA MET A 225 -11.10 -3.12 -7.71
C MET A 225 -12.39 -3.74 -7.20
N GLU A 226 -12.68 -3.55 -5.89
CA GLU A 226 -13.97 -3.95 -5.29
C GLU A 226 -15.13 -3.28 -6.02
N HIS A 227 -15.03 -1.95 -6.20
CA HIS A 227 -16.03 -1.16 -6.91
C HIS A 227 -16.28 -1.68 -8.32
N LEU A 228 -15.18 -1.96 -9.03
CA LEU A 228 -15.22 -2.42 -10.42
C LEU A 228 -15.84 -3.80 -10.56
N TYR A 229 -15.48 -4.72 -9.65
CA TYR A 229 -16.10 -6.03 -9.60
C TYR A 229 -17.60 -5.92 -9.24
N SER A 230 -17.93 -4.97 -8.36
CA SER A 230 -19.31 -4.69 -7.96
C SER A 230 -20.17 -4.17 -9.13
N MET A 231 -19.56 -3.41 -10.05
CA MET A 231 -20.25 -2.90 -11.24
C MET A 231 -20.40 -3.98 -12.33
N LYS A 232 -19.45 -4.91 -12.37
CA LYS A 232 -19.51 -6.07 -13.25
C LYS A 232 -20.72 -6.95 -12.89
N CYS A 233 -20.85 -7.30 -11.61
CA CYS A 233 -21.95 -8.13 -11.11
C CYS A 233 -23.31 -7.54 -11.45
N LYS A 234 -23.42 -6.21 -11.27
CA LYS A 234 -24.62 -5.44 -11.59
C LYS A 234 -24.88 -5.24 -13.10
N ASN A 235 -23.88 -5.57 -13.93
CA ASN A 235 -23.96 -5.47 -15.39
C ASN A 235 -24.64 -4.19 -15.88
N VAL A 236 -24.34 -3.07 -15.21
CA VAL A 236 -24.94 -1.77 -15.48
C VAL A 236 -24.40 -1.16 -16.80
N VAL A 237 -23.11 -1.39 -17.08
CA VAL A 237 -22.52 -1.22 -18.43
C VAL A 237 -21.60 -2.41 -18.65
N PRO A 238 -21.38 -2.86 -19.91
CA PRO A 238 -20.43 -3.95 -20.17
C PRO A 238 -18.99 -3.41 -20.11
N LEU A 239 -18.10 -4.20 -19.50
CA LEU A 239 -16.67 -3.91 -19.48
C LEU A 239 -16.00 -4.54 -20.68
N SER A 240 -14.93 -3.91 -21.15
CA SER A 240 -14.14 -4.42 -22.26
C SER A 240 -13.53 -5.75 -21.89
N ASP A 241 -13.12 -6.51 -22.92
CA ASP A 241 -12.45 -7.78 -22.73
C ASP A 241 -11.17 -7.62 -21.90
N LEU A 242 -10.40 -6.56 -22.16
CA LEU A 242 -9.11 -6.34 -21.51
C LEU A 242 -9.30 -5.99 -20.02
N LEU A 243 -10.23 -5.06 -19.73
CA LEU A 243 -10.58 -4.69 -18.36
C LEU A 243 -11.01 -5.91 -17.55
N LEU A 244 -11.86 -6.75 -18.16
CA LEU A 244 -12.34 -7.98 -17.53
C LEU A 244 -11.22 -8.98 -17.29
N GLU A 245 -10.30 -9.08 -18.25
CA GLU A 245 -9.10 -9.90 -18.12
C GLU A 245 -8.26 -9.43 -16.92
N MET A 246 -8.03 -8.11 -16.84
CA MET A 246 -7.22 -7.51 -15.78
C MET A 246 -7.90 -7.64 -14.42
N LEU A 247 -9.22 -7.51 -14.43
CA LEU A 247 -10.05 -7.60 -13.23
C LEU A 247 -10.08 -9.03 -12.68
N ASP A 248 -10.26 -10.00 -13.59
CA ASP A 248 -10.17 -11.43 -13.29
C ASP A 248 -8.87 -11.82 -12.57
N ALA A 249 -7.75 -11.18 -12.93
CA ALA A 249 -6.45 -11.47 -12.31
C ALA A 249 -6.37 -11.14 -10.80
N HIS A 250 -7.31 -10.32 -10.30
CA HIS A 250 -7.40 -10.02 -8.86
C HIS A 250 -8.41 -10.92 -8.15
N ALA B 10 7.59 14.05 22.11
CA ALA B 10 7.85 13.14 20.93
C ALA B 10 8.79 13.79 19.92
N LEU B 11 8.55 15.08 19.66
CA LEU B 11 9.32 15.90 18.75
C LEU B 11 10.76 16.17 19.21
N SER B 12 10.99 16.08 20.53
CA SER B 12 12.27 16.39 21.13
C SER B 12 13.11 15.15 21.45
N LEU B 13 12.55 13.96 21.24
CA LEU B 13 13.26 12.71 21.50
C LEU B 13 14.43 12.53 20.55
N THR B 14 15.54 12.02 21.06
CA THR B 14 16.65 11.60 20.22
C THR B 14 16.27 10.27 19.54
N ALA B 15 17.04 9.88 18.53
CA ALA B 15 16.85 8.63 17.81
C ALA B 15 16.86 7.44 18.79
N ASP B 16 17.88 7.43 19.65
CA ASP B 16 18.04 6.37 20.64
C ASP B 16 16.90 6.35 21.64
N GLN B 17 16.39 7.52 22.01
CA GLN B 17 15.25 7.65 22.91
C GLN B 17 13.96 7.18 22.26
N MET B 18 13.79 7.49 20.96
CA MET B 18 12.66 7.01 20.17
C MET B 18 12.62 5.48 20.16
N VAL B 19 13.74 4.86 19.79
CA VAL B 19 13.87 3.39 19.72
C VAL B 19 13.57 2.74 21.07
N SER B 20 14.17 3.28 22.14
CA SER B 20 13.92 2.78 23.50
C SER B 20 12.45 2.83 23.84
N ALA B 21 11.82 3.99 23.57
CA ALA B 21 10.40 4.18 23.86
C ALA B 21 9.54 3.14 23.15
N LEU B 22 9.86 2.90 21.87
CA LEU B 22 9.11 1.95 21.05
C LEU B 22 9.32 0.50 21.51
N LEU B 23 10.58 0.15 21.79
CA LEU B 23 10.93 -1.14 22.36
C LEU B 23 10.21 -1.39 23.69
N ASP B 24 10.18 -0.38 24.56
CA ASP B 24 9.54 -0.49 25.87
C ASP B 24 8.02 -0.63 25.76
N ALA B 25 7.46 -0.12 24.65
CA ALA B 25 6.01 -0.11 24.43
C ALA B 25 5.48 -1.44 23.88
N GLU B 26 6.38 -2.34 23.46
CA GLU B 26 5.97 -3.54 22.76
C GLU B 26 4.92 -4.34 23.55
N PRO B 27 3.81 -4.77 22.91
CA PRO B 27 2.82 -5.58 23.62
C PRO B 27 3.39 -6.98 23.85
N PRO B 28 2.78 -7.79 24.74
CA PRO B 28 3.26 -9.15 24.97
C PRO B 28 2.84 -10.09 23.86
N ILE B 29 3.46 -11.26 23.81
CA ILE B 29 3.03 -12.33 22.94
C ILE B 29 1.99 -13.17 23.70
N LEU B 30 0.82 -13.34 23.07
CA LEU B 30 -0.32 -14.01 23.68
C LEU B 30 -0.39 -15.44 23.21
N TYR B 31 -1.04 -16.29 24.02
CA TYR B 31 -1.22 -17.70 23.70
C TYR B 31 -2.58 -17.95 23.11
N SER B 32 -2.66 -18.96 22.24
CA SER B 32 -3.94 -19.48 21.78
C SER B 32 -4.60 -20.28 22.91
N GLU B 33 -5.90 -20.55 22.76
CA GLU B 33 -6.64 -21.36 23.71
C GLU B 33 -6.13 -22.79 23.70
N PRO B 39 -7.29 -32.15 15.84
CA PRO B 39 -7.42 -31.72 14.44
C PRO B 39 -8.33 -30.51 14.29
N PHE B 40 -7.97 -29.57 13.41
CA PHE B 40 -8.74 -28.33 13.22
C PHE B 40 -9.85 -28.48 12.17
N SER B 41 -11.04 -27.97 12.51
CA SER B 41 -12.09 -27.70 11.56
C SER B 41 -11.94 -26.24 11.11
N GLU B 42 -12.68 -25.89 10.05
CA GLU B 42 -12.76 -24.53 9.55
C GLU B 42 -13.22 -23.59 10.66
N ALA B 43 -14.33 -23.95 11.31
CA ALA B 43 -14.96 -23.13 12.34
C ALA B 43 -14.08 -23.04 13.58
N SER B 44 -13.36 -24.12 13.91
CA SER B 44 -12.52 -24.17 15.10
C SER B 44 -11.26 -23.33 14.94
N MET B 45 -10.57 -23.47 13.80
CA MET B 45 -9.41 -22.63 13.50
C MET B 45 -9.80 -21.15 13.48
N MET B 46 -10.87 -20.84 12.74
CA MET B 46 -11.50 -19.52 12.73
C MET B 46 -11.68 -18.97 14.13
N GLY B 47 -12.29 -19.78 15.00
CA GLY B 47 -12.57 -19.43 16.38
C GLY B 47 -11.33 -19.08 17.15
N LEU B 48 -10.31 -19.95 17.05
CA LEU B 48 -9.01 -19.69 17.67
C LEU B 48 -8.40 -18.37 17.22
N LEU B 49 -8.41 -18.12 15.91
CA LEU B 49 -7.70 -16.96 15.36
C LEU B 49 -8.41 -15.66 15.72
N THR B 50 -9.74 -15.67 15.69
CA THR B 50 -10.54 -14.49 16.00
C THR B 50 -10.48 -14.16 17.50
N ASN B 51 -10.54 -15.18 18.36
CA ASN B 51 -10.35 -15.02 19.82
C ASN B 51 -8.99 -14.39 20.10
N LEU B 52 -7.95 -14.88 19.40
CA LEU B 52 -6.59 -14.40 19.54
C LEU B 52 -6.44 -12.95 19.09
N ALA B 53 -7.00 -12.63 17.91
CA ALA B 53 -6.91 -11.30 17.37
C ALA B 53 -7.62 -10.29 18.29
N ASP B 54 -8.78 -10.69 18.81
CA ASP B 54 -9.56 -9.85 19.73
C ASP B 54 -8.74 -9.49 20.98
N ARG B 55 -8.05 -10.49 21.56
CA ARG B 55 -7.22 -10.28 22.73
C ARG B 55 -6.02 -9.39 22.38
N GLU B 56 -5.44 -9.61 21.19
CA GLU B 56 -4.34 -8.80 20.69
C GLU B 56 -4.71 -7.33 20.49
N LEU B 57 -5.94 -7.09 20.02
CA LEU B 57 -6.45 -5.75 19.79
C LEU B 57 -6.44 -4.90 21.04
N VAL B 58 -6.87 -5.49 22.16
CA VAL B 58 -6.86 -4.77 23.42
C VAL B 58 -5.44 -4.28 23.75
N HIS B 59 -4.44 -5.15 23.57
CA HIS B 59 -3.04 -4.81 23.85
C HIS B 59 -2.49 -3.78 22.86
N MET B 60 -2.93 -3.88 21.61
CA MET B 60 -2.52 -2.94 20.57
C MET B 60 -3.03 -1.54 20.85
N ILE B 61 -4.29 -1.44 21.28
CA ILE B 61 -4.87 -0.15 21.61
C ILE B 61 -4.04 0.54 22.68
N ASN B 62 -3.58 -0.23 23.68
CA ASN B 62 -2.74 0.29 24.74
C ASN B 62 -1.28 0.54 24.34
N TRP B 63 -0.74 -0.30 23.45
CA TRP B 63 0.54 0.00 22.77
C TRP B 63 0.52 1.35 22.02
N ALA B 64 -0.54 1.59 21.24
CA ALA B 64 -0.67 2.81 20.43
C ALA B 64 -0.50 4.07 21.30
N LYS B 65 -1.08 4.04 22.51
CA LYS B 65 -1.00 5.15 23.46
C LYS B 65 0.42 5.47 23.89
N ARG B 66 1.30 4.47 23.82
CA ARG B 66 2.71 4.63 24.15
C ARG B 66 3.63 4.99 22.97
N VAL B 67 3.07 5.08 21.75
CA VAL B 67 3.82 5.44 20.56
C VAL B 67 3.95 6.96 20.60
N PRO B 68 5.18 7.51 20.72
CA PRO B 68 5.36 8.96 20.80
C PRO B 68 4.62 9.70 19.71
N GLY B 69 3.85 10.74 20.09
CA GLY B 69 3.03 11.53 19.20
C GLY B 69 1.55 11.15 19.17
N PHE B 70 1.24 9.88 19.40
CA PHE B 70 -0.11 9.36 19.26
C PHE B 70 -1.14 9.99 20.21
N VAL B 71 -0.79 10.14 21.50
CA VAL B 71 -1.72 10.70 22.48
C VAL B 71 -1.90 12.21 22.31
N ASP B 72 -0.95 12.86 21.62
CA ASP B 72 -1.05 14.28 21.26
C ASP B 72 -2.25 14.53 20.35
N LEU B 73 -2.69 13.49 19.63
CA LEU B 73 -3.84 13.57 18.72
C LEU B 73 -5.15 13.58 19.49
N THR B 74 -6.20 14.12 18.85
CA THR B 74 -7.55 14.04 19.38
C THR B 74 -8.00 12.58 19.37
N LEU B 75 -8.98 12.26 20.22
CA LEU B 75 -9.53 10.92 20.34
C LEU B 75 -10.14 10.41 19.03
N HIS B 76 -10.89 11.29 18.35
CA HIS B 76 -11.44 11.02 17.02
C HIS B 76 -10.36 10.57 16.03
N ASP B 77 -9.22 11.27 16.03
CA ASP B 77 -8.10 10.96 15.15
C ASP B 77 -7.37 9.68 15.54
N GLN B 78 -7.23 9.43 16.84
CA GLN B 78 -6.63 8.21 17.35
C GLN B 78 -7.45 6.99 16.92
N VAL B 79 -8.78 7.14 17.03
CA VAL B 79 -9.75 6.12 16.61
C VAL B 79 -9.62 5.81 15.12
N HIS B 80 -9.63 6.87 14.30
CA HIS B 80 -9.51 6.76 12.86
C HIS B 80 -8.24 5.98 12.48
N LEU B 81 -7.10 6.40 13.05
CA LEU B 81 -5.83 5.76 12.74
C LEU B 81 -5.83 4.27 13.09
N LEU B 82 -6.42 3.93 14.24
CA LEU B 82 -6.46 2.54 14.69
C LEU B 82 -7.41 1.70 13.85
N GLU B 83 -8.56 2.28 13.50
CA GLU B 83 -9.52 1.64 12.60
C GLU B 83 -8.92 1.34 11.23
N YCM B 84 -8.09 2.26 10.73
CA YCM B 84 -7.41 2.07 9.46
CB YCM B 84 -6.84 3.39 8.98
SG YCM B 84 -8.08 4.63 8.52
CD YCM B 84 -8.85 3.88 7.04
CE YCM B 84 -7.83 3.40 6.03
OZ1 YCM B 84 -7.46 4.16 5.13
NZ2 YCM B 84 -7.40 2.17 6.17
C YCM B 84 -6.29 1.04 9.57
O YCM B 84 -6.12 0.23 8.66
N ALA B 85 -5.54 1.06 10.67
CA ALA B 85 -4.28 0.33 10.75
C ALA B 85 -4.26 -1.03 11.48
N TRP B 86 -5.34 -1.39 12.19
CA TRP B 86 -5.27 -2.46 13.18
C TRP B 86 -4.85 -3.82 12.60
N LEU B 87 -5.39 -4.17 11.44
CA LEU B 87 -5.12 -5.45 10.84
C LEU B 87 -3.70 -5.50 10.24
N GLU B 88 -3.25 -4.39 9.65
CA GLU B 88 -1.85 -4.26 9.23
C GLU B 88 -0.87 -4.50 10.38
N ILE B 89 -1.19 -3.91 11.54
CA ILE B 89 -0.37 -4.05 12.73
C ILE B 89 -0.33 -5.50 13.26
N LEU B 90 -1.50 -6.14 13.33
CA LEU B 90 -1.55 -7.55 13.68
C LEU B 90 -0.70 -8.35 12.71
N MET B 91 -0.82 -8.04 11.41
CA MET B 91 -0.15 -8.78 10.38
C MET B 91 1.37 -8.64 10.41
N ILE B 92 1.88 -7.42 10.59
CA ILE B 92 3.32 -7.23 10.64
C ILE B 92 3.90 -7.92 11.90
N GLY B 93 3.15 -7.92 13.00
CA GLY B 93 3.51 -8.63 14.21
C GLY B 93 3.63 -10.13 13.97
N LEU B 94 2.63 -10.68 13.29
CA LEU B 94 2.59 -12.10 12.97
C LEU B 94 3.80 -12.48 12.12
N VAL B 95 4.08 -11.64 11.12
CA VAL B 95 5.13 -11.87 10.18
C VAL B 95 6.49 -11.83 10.89
N TRP B 96 6.66 -10.83 11.77
CA TRP B 96 7.85 -10.69 12.61
C TRP B 96 8.11 -11.95 13.46
N ARG B 97 7.09 -12.38 14.22
CA ARG B 97 7.14 -13.59 15.06
C ARG B 97 7.49 -14.85 14.28
N SER B 98 7.10 -14.88 13.00
CA SER B 98 7.22 -16.07 12.16
C SER B 98 8.57 -16.17 11.43
N MET B 99 9.41 -15.12 11.58
CA MET B 99 10.65 -15.00 10.83
C MET B 99 11.56 -16.23 10.97
N GLU B 100 11.70 -16.73 12.19
CA GLU B 100 12.60 -17.85 12.46
C GLU B 100 11.93 -19.20 12.29
N HIS B 101 10.78 -19.23 11.59
CA HIS B 101 10.04 -20.45 11.32
C HIS B 101 9.64 -20.51 9.84
N PRO B 102 10.63 -20.70 8.93
CA PRO B 102 10.34 -20.71 7.49
C PRO B 102 9.23 -21.70 7.16
N GLY B 103 8.27 -21.28 6.33
CA GLY B 103 7.16 -22.11 5.91
C GLY B 103 6.00 -22.13 6.89
N LYS B 104 6.13 -21.42 8.02
CA LYS B 104 5.15 -21.45 9.09
C LYS B 104 4.82 -20.07 9.61
N LEU B 105 3.66 -19.97 10.24
CA LEU B 105 3.17 -18.75 10.86
C LEU B 105 2.93 -18.99 12.35
N LEU B 106 3.70 -18.28 13.18
CA LEU B 106 3.61 -18.39 14.63
C LEU B 106 2.51 -17.44 15.12
N PHE B 107 1.26 -17.90 15.05
CA PHE B 107 0.14 -17.11 15.53
C PHE B 107 0.26 -16.90 17.04
N ALA B 108 0.71 -17.95 17.74
CA ALA B 108 1.06 -17.89 19.15
C ALA B 108 2.10 -18.97 19.38
N PRO B 109 2.85 -18.94 20.51
CA PRO B 109 3.86 -19.98 20.77
C PRO B 109 3.26 -21.37 20.74
N ASN B 110 1.98 -21.49 21.11
CA ASN B 110 1.28 -22.76 21.08
C ASN B 110 0.38 -22.92 19.85
N LEU B 111 0.66 -22.14 18.79
CA LEU B 111 -0.12 -22.17 17.58
C LEU B 111 0.74 -21.75 16.38
N LEU B 112 1.58 -22.70 15.92
CA LEU B 112 2.47 -22.52 14.79
C LEU B 112 1.91 -23.34 13.63
N LEU B 113 1.33 -22.65 12.65
CA LEU B 113 0.63 -23.30 11.53
C LEU B 113 1.47 -23.26 10.24
N ASP B 114 1.42 -24.39 9.51
CA ASP B 114 2.00 -24.46 8.19
C ASP B 114 0.94 -24.10 7.16
N ARG B 115 1.39 -23.95 5.92
CA ARG B 115 0.59 -23.48 4.81
C ARG B 115 -0.66 -24.34 4.52
N ASN B 116 -0.50 -25.66 4.65
CA ASN B 116 -1.57 -26.65 4.39
C ASN B 116 -2.71 -26.60 5.41
N GLN B 117 -2.39 -26.13 6.63
CA GLN B 117 -3.38 -25.88 7.68
C GLN B 117 -4.19 -24.60 7.37
N GLY B 118 -3.63 -23.71 6.56
CA GLY B 118 -4.36 -22.60 5.98
C GLY B 118 -5.55 -23.00 5.10
N LYS B 119 -5.49 -24.20 4.52
CA LYS B 119 -6.59 -24.73 3.71
C LYS B 119 -7.84 -25.14 4.50
N YCM B 120 -7.72 -25.25 5.84
CA YCM B 120 -8.84 -25.57 6.70
CB YCM B 120 -8.39 -25.63 8.16
SG YCM B 120 -7.68 -27.20 8.71
CD YCM B 120 -7.32 -28.07 7.15
CE YCM B 120 -6.33 -29.18 7.36
OZ1 YCM B 120 -5.13 -29.00 7.10
NZ2 YCM B 120 -6.80 -30.31 7.83
C YCM B 120 -9.96 -24.55 6.56
O YCM B 120 -11.13 -24.89 6.73
N VAL B 121 -9.58 -23.30 6.27
CA VAL B 121 -10.53 -22.21 6.05
C VAL B 121 -10.47 -21.77 4.59
N GLU B 122 -11.65 -21.58 3.98
CA GLU B 122 -11.77 -21.26 2.56
C GLU B 122 -11.34 -19.82 2.27
N GLY B 123 -10.40 -19.66 1.34
CA GLY B 123 -9.81 -18.37 0.98
C GLY B 123 -8.74 -17.89 1.95
N MET B 124 -8.33 -18.74 2.89
CA MET B 124 -7.32 -18.39 3.88
C MET B 124 -5.92 -18.63 3.36
N VAL B 125 -5.75 -19.70 2.56
CA VAL B 125 -4.42 -20.08 2.06
C VAL B 125 -3.78 -18.97 1.18
N GLU B 126 -4.62 -18.19 0.50
CA GLU B 126 -4.14 -17.02 -0.24
C GLU B 126 -3.46 -16.00 0.70
N ILE B 127 -4.13 -15.65 1.80
CA ILE B 127 -3.57 -14.71 2.77
C ILE B 127 -2.32 -15.27 3.47
N PHE B 128 -2.40 -16.55 3.88
CA PHE B 128 -1.27 -17.30 4.43
C PHE B 128 -0.04 -17.16 3.56
N ASP B 129 -0.21 -17.42 2.25
CA ASP B 129 0.90 -17.37 1.29
C ASP B 129 1.54 -16.01 1.23
N MET B 130 0.71 -14.96 1.21
CA MET B 130 1.18 -13.59 1.23
C MET B 130 1.97 -13.29 2.51
N LEU B 131 1.44 -13.74 3.67
CA LEU B 131 2.12 -13.54 4.95
C LEU B 131 3.46 -14.26 5.00
N LEU B 132 3.48 -15.50 4.50
CA LEU B 132 4.71 -16.28 4.42
C LEU B 132 5.77 -15.63 3.52
N ALA B 133 5.33 -15.10 2.37
CA ALA B 133 6.22 -14.40 1.44
C ALA B 133 6.82 -13.16 2.12
N THR B 134 6.01 -12.47 2.94
CA THR B 134 6.48 -11.30 3.69
C THR B 134 7.52 -11.71 4.73
N SER B 135 7.26 -12.82 5.44
CA SER B 135 8.21 -13.36 6.39
C SER B 135 9.56 -13.72 5.74
N SER B 136 9.52 -14.36 4.57
CA SER B 136 10.74 -14.67 3.79
C SER B 136 11.53 -13.40 3.44
N ARG B 137 10.82 -12.36 3.00
CA ARG B 137 11.41 -11.08 2.66
C ARG B 137 12.15 -10.44 3.84
N PHE B 138 11.51 -10.42 5.02
CA PHE B 138 12.13 -9.92 6.26
C PHE B 138 13.37 -10.72 6.62
N ARG B 139 13.32 -12.05 6.39
CA ARG B 139 14.45 -12.95 6.66
C ARG B 139 15.60 -12.62 5.71
N MET B 140 15.30 -12.61 4.40
CA MET B 140 16.27 -12.21 3.37
C MET B 140 16.93 -10.87 3.70
N MET B 141 16.14 -9.90 4.18
CA MET B 141 16.64 -8.58 4.54
C MET B 141 17.33 -8.52 5.89
N ASN B 142 17.22 -9.59 6.69
CA ASN B 142 17.71 -9.62 8.06
C ASN B 142 17.13 -8.45 8.90
N LEU B 143 15.80 -8.26 8.82
CA LEU B 143 15.13 -7.19 9.56
C LEU B 143 15.49 -7.27 11.06
N GLN B 144 15.81 -6.14 11.67
CA GLN B 144 16.15 -6.05 13.08
C GLN B 144 14.95 -5.57 13.91
N GLY B 145 14.88 -6.01 15.16
CA GLY B 145 13.85 -5.62 16.11
C GLY B 145 13.62 -4.12 16.17
N GLU B 146 14.70 -3.35 16.17
CA GLU B 146 14.64 -1.90 16.25
C GLU B 146 14.01 -1.30 15.01
N GLU B 147 14.28 -1.92 13.85
CA GLU B 147 13.67 -1.53 12.57
C GLU B 147 12.18 -1.88 12.58
N PHE B 148 11.88 -3.11 12.99
CA PHE B 148 10.51 -3.58 13.12
C PHE B 148 9.59 -2.62 13.89
N VAL B 149 10.01 -2.19 15.07
CA VAL B 149 9.17 -1.35 15.92
C VAL B 149 8.96 0.01 15.24
N CYS B 150 9.97 0.50 14.53
CA CYS B 150 9.85 1.71 13.73
C CYS B 150 8.79 1.55 12.65
N LEU B 151 8.85 0.44 11.90
CA LEU B 151 7.86 0.15 10.85
C LEU B 151 6.44 0.05 11.35
N LYS B 152 6.26 -0.65 12.45
CA LYS B 152 4.94 -0.80 13.07
C LYS B 152 4.33 0.57 13.44
N SER B 153 5.16 1.46 13.98
CA SER B 153 4.75 2.82 14.34
C SER B 153 4.39 3.67 13.11
N ILE B 154 5.16 3.48 12.03
CA ILE B 154 4.87 4.13 10.75
C ILE B 154 3.50 3.73 10.21
N ILE B 155 3.18 2.44 10.30
CA ILE B 155 1.89 1.93 9.86
C ILE B 155 0.76 2.61 10.65
N LEU B 156 0.94 2.73 11.97
CA LEU B 156 -0.09 3.30 12.82
C LEU B 156 -0.33 4.75 12.39
N LEU B 157 0.75 5.51 12.20
CA LEU B 157 0.63 6.94 11.90
C LEU B 157 0.28 7.23 10.44
N ASN B 158 0.73 6.37 9.52
CA ASN B 158 0.57 6.58 8.08
C ASN B 158 -0.75 6.16 7.48
N SER B 159 -1.30 5.03 7.96
CA SER B 159 -2.31 4.31 7.19
C SER B 159 -3.63 5.07 7.06
N GLY B 160 -3.96 5.85 8.10
CA GLY B 160 -5.15 6.66 8.09
C GLY B 160 -4.96 8.15 7.80
N VAL B 161 -3.70 8.59 7.66
CA VAL B 161 -3.37 10.02 7.62
C VAL B 161 -3.94 10.74 6.38
N TYR B 162 -4.08 10.01 5.27
CA TYR B 162 -4.55 10.58 3.99
C TYR B 162 -6.08 10.65 3.87
N THR B 163 -6.79 10.17 4.89
CA THR B 163 -8.25 10.04 4.86
C THR B 163 -8.95 10.69 6.06
N PHE B 164 -8.43 11.83 6.53
CA PHE B 164 -9.10 12.66 7.52
C PHE B 164 -10.15 13.55 6.88
N LEU B 169 -9.25 21.83 6.13
CA LEU B 169 -10.01 22.44 7.19
C LEU B 169 -9.18 23.11 8.28
N LYS B 170 -9.79 23.19 9.46
CA LYS B 170 -9.08 23.53 10.68
C LYS B 170 -8.03 22.50 11.03
N SER B 171 -8.39 21.25 10.82
CA SER B 171 -7.61 20.09 11.18
C SER B 171 -6.56 19.77 10.14
N LEU B 172 -5.58 20.63 10.02
CA LEU B 172 -4.35 20.37 9.31
C LEU B 172 -3.13 20.51 10.21
N GLU B 173 -3.39 20.95 11.42
CA GLU B 173 -2.49 20.93 12.52
C GLU B 173 -2.19 19.50 12.91
N GLU B 174 -3.18 18.64 12.85
CA GLU B 174 -2.93 17.25 13.13
C GLU B 174 -2.00 16.66 12.10
N LYS B 175 -2.26 16.93 10.83
CA LYS B 175 -1.70 16.12 9.79
C LYS B 175 -0.27 16.48 9.76
N ASP B 176 -0.02 17.74 10.05
CA ASP B 176 1.35 18.25 10.12
C ASP B 176 2.15 17.58 11.24
N HIS B 177 1.55 17.51 12.45
CA HIS B 177 2.15 16.81 13.58
C HIS B 177 2.52 15.36 13.24
N ILE B 178 1.55 14.63 12.67
CA ILE B 178 1.73 13.25 12.25
C ILE B 178 2.88 13.13 11.27
N HIS B 179 2.92 14.06 10.30
CA HIS B 179 3.99 14.05 9.29
C HIS B 179 5.35 14.35 9.90
N ARG B 180 5.37 15.23 10.90
CA ARG B 180 6.57 15.52 11.68
C ARG B 180 7.04 14.30 12.48
N VAL B 181 6.09 13.58 13.10
CA VAL B 181 6.45 12.37 13.83
C VAL B 181 7.00 11.32 12.87
N LEU B 182 6.33 11.17 11.72
CA LEU B 182 6.76 10.24 10.70
C LEU B 182 8.17 10.53 10.23
N ASP B 183 8.47 11.81 9.98
CA ASP B 183 9.83 12.28 9.69
C ASP B 183 10.87 11.88 10.75
N LYS B 184 10.47 11.97 12.02
CA LYS B 184 11.32 11.58 13.14
C LYS B 184 11.64 10.08 13.07
N ILE B 185 10.62 9.26 12.78
CA ILE B 185 10.83 7.84 12.71
C ILE B 185 11.73 7.49 11.53
N THR B 186 11.65 8.29 10.45
CA THR B 186 12.52 8.11 9.29
C THR B 186 13.96 8.38 9.70
N ASP B 187 14.17 9.49 10.40
CA ASP B 187 15.48 9.82 10.95
C ASP B 187 16.00 8.69 11.83
N THR B 188 15.11 8.11 12.65
CA THR B 188 15.48 7.02 13.56
C THR B 188 15.93 5.77 12.80
N LEU B 189 15.19 5.41 11.74
CA LEU B 189 15.55 4.28 10.87
C LEU B 189 16.92 4.45 10.21
N ILE B 190 17.18 5.63 9.66
CA ILE B 190 18.47 5.96 9.05
C ILE B 190 19.59 5.89 10.10
N HIS B 191 19.36 6.51 11.26
CA HIS B 191 20.28 6.43 12.39
C HIS B 191 20.72 4.98 12.62
N LEU B 192 19.73 4.10 12.80
CA LEU B 192 19.97 2.67 13.06
C LEU B 192 20.83 2.05 11.96
N MET B 193 20.52 2.36 10.72
CA MET B 193 21.27 1.85 9.57
C MET B 193 22.70 2.35 9.53
N ALA B 194 22.87 3.65 9.83
CA ALA B 194 24.18 4.28 9.89
C ALA B 194 25.03 3.66 11.01
N LYS B 195 24.42 3.41 12.18
CA LYS B 195 25.07 2.72 13.29
C LYS B 195 25.45 1.28 12.95
N ALA B 196 24.68 0.63 12.08
CA ALA B 196 24.98 -0.72 11.61
C ALA B 196 26.12 -0.73 10.57
N GLY B 197 26.60 0.47 10.20
CA GLY B 197 27.72 0.66 9.29
C GLY B 197 27.40 0.65 7.81
N LEU B 198 26.13 0.86 7.46
CA LEU B 198 25.72 0.88 6.05
C LEU B 198 26.22 2.17 5.42
N THR B 199 26.61 2.10 4.14
CA THR B 199 26.98 3.30 3.39
C THR B 199 25.71 4.15 3.21
N LEU B 200 25.91 5.41 2.84
CA LEU B 200 24.80 6.32 2.53
C LEU B 200 23.87 5.67 1.52
N GLN B 201 24.44 5.12 0.44
CA GLN B 201 23.67 4.47 -0.60
C GLN B 201 22.83 3.33 -0.02
N GLN B 202 23.47 2.45 0.75
CA GLN B 202 22.80 1.32 1.39
C GLN B 202 21.69 1.73 2.32
N GLN B 203 21.88 2.86 3.01
CA GLN B 203 20.87 3.38 3.92
C GLN B 203 19.61 3.78 3.19
N HIS B 204 19.74 4.57 2.13
CA HIS B 204 18.58 5.01 1.34
C HIS B 204 17.89 3.79 0.70
N GLN B 205 18.70 2.85 0.20
CA GLN B 205 18.20 1.64 -0.43
C GLN B 205 17.41 0.76 0.52
N ARG B 206 17.94 0.54 1.72
CA ARG B 206 17.27 -0.29 2.72
C ARG B 206 15.98 0.37 3.20
N LEU B 207 16.04 1.66 3.48
CA LEU B 207 14.87 2.45 3.85
C LEU B 207 13.73 2.28 2.85
N ALA B 208 14.04 2.46 1.57
CA ALA B 208 13.08 2.25 0.50
C ALA B 208 12.52 0.83 0.53
N GLN B 209 13.39 -0.17 0.65
CA GLN B 209 13.00 -1.58 0.65
C GLN B 209 12.02 -1.87 1.78
N LEU B 210 12.27 -1.30 2.96
CA LEU B 210 11.40 -1.50 4.12
C LEU B 210 10.04 -0.88 3.91
N LEU B 211 10.06 0.37 3.41
CA LEU B 211 8.83 1.10 3.22
C LEU B 211 7.94 0.54 2.08
N LEU B 212 8.58 -0.09 1.08
CA LEU B 212 7.87 -0.71 -0.02
C LEU B 212 7.12 -1.96 0.40
N ILE B 213 7.63 -2.64 1.43
CA ILE B 213 6.96 -3.80 2.02
C ILE B 213 5.63 -3.39 2.67
N LEU B 214 5.56 -2.15 3.16
CA LEU B 214 4.33 -1.63 3.76
C LEU B 214 3.17 -1.56 2.80
N SER B 215 3.47 -1.40 1.49
CA SER B 215 2.48 -1.47 0.46
C SER B 215 1.89 -2.88 0.36
N HIS B 216 2.75 -3.90 0.47
CA HIS B 216 2.30 -5.29 0.47
C HIS B 216 1.47 -5.62 1.74
N ILE B 217 1.90 -5.05 2.88
CA ILE B 217 1.16 -5.23 4.12
C ILE B 217 -0.23 -4.61 4.00
N ARG B 218 -0.32 -3.43 3.39
CA ARG B 218 -1.62 -2.79 3.14
C ARG B 218 -2.52 -3.72 2.32
N HIS B 219 -1.94 -4.31 1.28
CA HIS B 219 -2.64 -5.21 0.38
C HIS B 219 -3.20 -6.42 1.15
N MET B 220 -2.34 -7.05 1.97
CA MET B 220 -2.74 -8.17 2.80
C MET B 220 -3.88 -7.79 3.74
N SER B 221 -3.77 -6.61 4.34
CA SER B 221 -4.79 -6.11 5.23
C SER B 221 -6.13 -6.00 4.52
N ASN B 222 -6.12 -5.42 3.31
CA ASN B 222 -7.37 -5.24 2.52
C ASN B 222 -7.99 -6.59 2.16
N LYS B 223 -7.15 -7.56 1.74
CA LYS B 223 -7.64 -8.92 1.44
C LYS B 223 -8.20 -9.59 2.71
N GLY B 224 -7.50 -9.42 3.84
CA GLY B 224 -7.90 -10.02 5.09
C GLY B 224 -9.20 -9.44 5.62
N MET B 225 -9.41 -8.13 5.36
CA MET B 225 -10.63 -7.44 5.74
C MET B 225 -11.83 -7.94 4.93
N GLU B 226 -11.62 -8.16 3.63
CA GLU B 226 -12.60 -8.82 2.75
C GLU B 226 -12.97 -10.21 3.29
N HIS B 227 -11.95 -11.00 3.62
CA HIS B 227 -12.11 -12.34 4.18
C HIS B 227 -12.93 -12.30 5.47
N LEU B 228 -12.61 -11.35 6.34
CA LEU B 228 -13.26 -11.18 7.65
C LEU B 228 -14.73 -10.78 7.51
N TYR B 229 -15.01 -9.84 6.60
CA TYR B 229 -16.38 -9.46 6.27
C TYR B 229 -17.16 -10.64 5.66
N SER B 230 -16.47 -11.44 4.84
CA SER B 230 -17.04 -12.63 4.22
C SER B 230 -17.43 -13.71 5.24
N MET B 231 -16.67 -13.82 6.33
CA MET B 231 -16.95 -14.77 7.41
C MET B 231 -18.07 -14.27 8.33
N LYS B 232 -18.19 -12.94 8.47
CA LYS B 232 -19.28 -12.31 9.20
C LYS B 232 -20.62 -12.63 8.54
N CYS B 233 -20.71 -12.39 7.22
CA CYS B 233 -21.93 -12.64 6.46
C CYS B 233 -22.41 -14.08 6.60
N LYS B 234 -21.45 -15.01 6.54
CA LYS B 234 -21.70 -16.44 6.67
C LYS B 234 -21.98 -16.90 8.11
N ASN B 235 -21.74 -16.02 9.09
CA ASN B 235 -21.89 -16.31 10.53
C ASN B 235 -21.41 -17.72 10.93
N VAL B 236 -20.30 -18.16 10.33
CA VAL B 236 -19.75 -19.49 10.52
C VAL B 236 -19.09 -19.64 11.89
N VAL B 237 -18.43 -18.56 12.37
CA VAL B 237 -17.87 -18.46 13.71
C VAL B 237 -18.30 -17.10 14.27
N PRO B 238 -18.46 -16.95 15.60
CA PRO B 238 -18.84 -15.65 16.17
C PRO B 238 -17.63 -14.72 16.24
N LEU B 239 -17.81 -13.48 15.79
CA LEU B 239 -16.80 -12.45 15.94
C LEU B 239 -17.14 -11.68 17.20
N SER B 240 -16.10 -11.20 17.88
CA SER B 240 -16.27 -10.37 19.06
C SER B 240 -16.91 -9.05 18.66
N ASP B 241 -17.45 -8.35 19.66
CA ASP B 241 -18.03 -7.03 19.47
C ASP B 241 -16.99 -6.03 18.95
N LEU B 242 -15.75 -6.13 19.45
CA LEU B 242 -14.66 -5.23 19.05
C LEU B 242 -14.24 -5.44 17.60
N LEU B 243 -14.05 -6.70 17.21
CA LEU B 243 -13.73 -7.07 15.83
C LEU B 243 -14.77 -6.57 14.85
N LEU B 244 -16.06 -6.74 15.22
CA LEU B 244 -17.18 -6.27 14.41
C LEU B 244 -17.22 -4.74 14.30
N GLU B 245 -16.90 -4.08 15.42
CA GLU B 245 -16.75 -2.63 15.44
C GLU B 245 -15.65 -2.17 14.49
N MET B 246 -14.47 -2.82 14.57
CA MET B 246 -13.30 -2.48 13.76
C MET B 246 -13.54 -2.80 12.29
N LEU B 247 -14.30 -3.88 12.05
CA LEU B 247 -14.65 -4.32 10.71
C LEU B 247 -15.63 -3.35 10.04
N ASP B 248 -16.58 -2.85 10.81
CA ASP B 248 -17.51 -1.89 10.30
C ASP B 248 -16.78 -0.66 9.81
N ALA B 249 -15.80 -0.23 10.58
CA ALA B 249 -15.03 0.97 10.24
C ALA B 249 -14.43 0.97 8.82
N HIS B 250 -14.29 -0.21 8.21
CA HIS B 250 -13.80 -0.36 6.84
C HIS B 250 -14.95 -0.48 5.83
N ARG B 251 -15.96 -1.28 6.17
CA ARG B 251 -17.18 -1.41 5.38
C ARG B 251 -18.14 -0.28 5.76
N LYS C 3 -4.37 -13.15 -21.81
CA LYS C 3 -4.50 -13.48 -23.26
C LYS C 3 -4.31 -12.24 -24.12
N ILE C 4 -5.27 -11.31 -24.08
CA ILE C 4 -5.12 -10.01 -24.73
C ILE C 4 -3.84 -9.35 -24.23
N LEU C 5 -3.59 -9.48 -22.93
CA LEU C 5 -2.40 -8.92 -22.32
C LEU C 5 -1.17 -9.50 -22.98
N HIS C 6 -1.18 -10.82 -23.20
CA HIS C 6 -0.10 -11.52 -23.90
C HIS C 6 0.11 -11.02 -25.32
N ARG C 7 -0.99 -10.76 -26.03
CA ARG C 7 -0.90 -10.24 -27.39
C ARG C 7 -0.19 -8.90 -27.35
N LEU C 8 -0.72 -7.99 -26.51
CA LEU C 8 -0.25 -6.60 -26.43
C LEU C 8 1.17 -6.49 -25.92
N LEU C 9 1.58 -7.42 -25.05
CA LEU C 9 2.96 -7.47 -24.55
C LEU C 9 3.98 -7.97 -25.57
N GLN C 10 3.52 -8.63 -26.62
CA GLN C 10 4.38 -9.17 -27.67
C GLN C 10 4.46 -8.27 -28.91
N ASP C 11 3.43 -7.45 -29.12
CA ASP C 11 3.43 -6.43 -30.17
C ASP C 11 4.46 -5.33 -29.91
N LYS D 3 -18.06 4.09 21.11
CA LYS D 3 -17.45 2.85 20.56
C LYS D 3 -16.47 2.22 21.55
N ILE D 4 -16.47 0.89 21.61
CA ILE D 4 -15.58 0.10 22.47
C ILE D 4 -14.14 0.62 22.35
N LEU D 5 -13.71 0.87 21.12
CA LEU D 5 -12.41 1.44 20.83
C LEU D 5 -12.25 2.81 21.45
N HIS D 6 -13.28 3.65 21.31
CA HIS D 6 -13.34 4.97 21.96
C HIS D 6 -13.18 4.80 23.48
N ARG D 7 -13.87 3.79 24.03
CA ARG D 7 -13.82 3.46 25.46
C ARG D 7 -12.45 2.95 25.92
N LEU D 8 -11.93 1.93 25.23
CA LEU D 8 -10.62 1.38 25.54
C LEU D 8 -9.51 2.42 25.43
N LEU D 9 -9.69 3.40 24.54
CA LEU D 9 -8.74 4.49 24.34
C LEU D 9 -8.82 5.50 25.49
N GLN D 10 -10.04 5.79 25.94
CA GLN D 10 -10.29 6.57 27.16
C GLN D 10 -9.78 5.83 28.42
N ASP D 11 -10.53 4.79 28.84
CA ASP D 11 -10.33 4.05 30.10
C ASP D 11 -10.37 4.96 31.34
C01 WVW E . -7.99 6.12 -14.21
C02 WVW E . -8.20 6.55 -15.45
C03 WVW E . -9.37 6.18 -16.01
C04 WVW E . -10.25 5.40 -15.36
C05 WVW E . -10.02 4.99 -14.09
C06 WVW E . -8.85 5.35 -13.55
C07 WVW E . -10.89 4.03 -13.26
N01 WVW E . -11.71 3.15 -14.12
C08 WVW E . -12.93 2.90 -13.97
C09 WVW E . -13.57 3.08 -12.81
C10 WVW E . -12.81 3.57 -11.60
C11 WVW E . -11.54 4.42 -11.91
C12 WVW E . -13.57 4.55 -10.75
C13 WVW E . -12.80 5.60 -10.44
C14 WVW E . -11.89 5.88 -11.59
C15 WVW E . -13.56 2.47 -15.06
C16 WVW E . -14.87 2.19 -15.03
C17 WVW E . -15.56 2.34 -13.89
C18 WVW E . -14.89 2.78 -12.79
O01 WVW E . -7.27 7.34 -16.05
S01 WVW E . -17.31 1.95 -13.90
O02 WVW E . -17.78 0.91 -13.00
O03 WVW E . -18.02 2.25 -15.12
N02 WVW E . -18.30 3.08 -13.12
C15 WVR F . -13.43 2.07 -14.99
C14 WVR F . -10.86 3.84 -11.29
C13 WVR F . -11.89 3.07 -10.52
C12 WVR F . -13.08 3.65 -10.64
C11 WVR F . -11.70 4.72 -12.22
C10 WVR F . -13.14 4.26 -11.99
C01 WVR F . -9.19 6.31 -16.18
C02 WVR F . -8.06 6.55 -15.50
C03 WVR F . -8.04 6.13 -14.23
C04 WVR F . -9.07 5.50 -13.66
C05 WVR F . -10.20 5.25 -14.35
C06 WVR F . -10.23 5.68 -15.63
C07 WVR F . -11.40 4.55 -13.72
N01 WVR F . -11.66 3.14 -14.06
C08 WVR F . -12.89 2.84 -14.04
C09 WVR F . -13.68 3.36 -13.09
C16 WVR F . -14.76 1.78 -14.97
C17 WVR F . -15.55 2.28 -14.02
C18 WVR F . -14.98 3.06 -13.09
O01 WVR F . -6.99 7.20 -16.05
S01 WVR F . -17.33 1.96 -13.92
O02 WVR F . -17.76 0.58 -14.01
O03 WVR F . -18.21 3.10 -13.94
N02 WVR F . -17.86 1.90 -12.31
C01 WVW G . -2.68 -11.81 13.13
C02 WVW G . -2.81 -12.32 14.36
C03 WVW G . -3.96 -12.92 14.62
C04 WVW G . -4.95 -12.99 13.72
C05 WVW G . -4.84 -12.48 12.47
C06 WVW G . -3.66 -11.87 12.21
C07 WVW G . -5.99 -12.49 11.43
N01 WVW G . -7.34 -12.62 12.00
C08 WVW G . -8.30 -13.32 11.60
C09 WVW G . -8.38 -13.84 10.39
C10 WVW G . -7.24 -13.59 9.42
C11 WVW G . -5.88 -13.13 10.04
C12 WVW G . -6.77 -14.86 8.78
C13 WVW G . -5.45 -14.83 8.62
C14 WVW G . -4.85 -14.22 9.85
C15 WVW G . -9.30 -13.51 12.48
C16 WVW G . -10.38 -14.26 12.17
C17 WVW G . -10.50 -14.83 10.93
C18 WVW G . -9.46 -14.60 10.08
O01 WVW G . -1.84 -12.26 15.28
S01 WVW G . -11.97 -15.87 10.53
O02 WVW G . -11.61 -17.22 10.13
O03 WVW G . -13.29 -15.46 10.96
N02 WVW G . -12.73 -15.60 9.07
#